data_3QVJ
#
_entry.id   3QVJ
#
_cell.length_a   124.819
_cell.length_b   124.819
_cell.length_c   126.840
_cell.angle_alpha   90.000
_cell.angle_beta   90.000
_cell.angle_gamma   120.000
#
_symmetry.space_group_name_H-M   'P 63 2 2'
#
loop_
_entity.id
_entity.type
_entity.pdbx_description
1 polymer 'Putative hydantoin racemase'
2 non-polymer 'CHLORIDE ION'
3 water water
#
_entity_poly.entity_id   1
_entity_poly.type   'polypeptide(L)'
_entity_poly.pdbx_seq_one_letter_code
;SVRIQVINPNTSLA(MSE)TETIGAAARAVAAPGTEILAVCPRAGVPSIEGHFDEAIAAVGVLEQIRAGREQGVDGHVIA
CFGDPGLLAARELAQGPVIGIAEAA(MSE)H(MSE)AT(MSE)VATRFSIVTTLPRTLIIARHLLHQYGFHQHCAALHAI
DLPVLALEDGSGLAQEKVRERCIRALKEDGSGAIVLGCGG(MSE)ATLAQQLTRELRVPVIDGVSAAVK(MSE)VESLVA
LGLATSKHGDLAFPEKKALSGQFQSLNPF
;
_entity_poly.pdbx_strand_id   A,B
#
loop_
_chem_comp.id
_chem_comp.type
_chem_comp.name
_chem_comp.formula
CL non-polymer 'CHLORIDE ION' 'Cl -1'
#
# COMPACT_ATOMS: atom_id res chain seq x y z
N SER A 1 8.07 11.26 34.26
CA SER A 1 8.48 10.37 35.38
C SER A 1 8.61 8.90 34.94
N VAL A 2 7.67 8.43 34.12
CA VAL A 2 7.72 7.07 33.58
C VAL A 2 7.79 7.15 32.06
N ARG A 3 8.82 6.54 31.48
CA ARG A 3 8.99 6.55 30.03
C ARG A 3 8.82 5.15 29.44
N ILE A 4 7.85 5.01 28.54
CA ILE A 4 7.51 3.73 27.93
C ILE A 4 7.75 3.77 26.41
N GLN A 5 8.69 2.95 25.96
CA GLN A 5 8.99 2.81 24.53
C GLN A 5 7.99 1.87 23.86
N VAL A 6 7.12 2.44 23.02
CA VAL A 6 6.14 1.65 22.29
C VAL A 6 6.67 1.41 20.88
N ILE A 7 7.03 0.15 20.63
CA ILE A 7 7.70 -0.24 19.40
C ILE A 7 6.71 -0.84 18.40
N ASN A 8 6.49 -0.12 17.31
CA ASN A 8 5.84 -0.70 16.15
C ASN A 8 6.91 -1.53 15.42
N PRO A 9 6.72 -2.87 15.37
CA PRO A 9 7.71 -3.75 14.76
C PRO A 9 7.76 -3.66 13.24
N ASN A 10 6.73 -3.08 12.63
CA ASN A 10 6.79 -2.82 11.18
C ASN A 10 7.30 -1.41 10.88
N THR A 11 7.67 -1.14 9.63
CA THR A 11 8.32 0.13 9.26
C THR A 11 7.33 1.24 8.86
N SER A 12 6.04 0.94 8.87
CA SER A 12 5.01 1.91 8.47
C SER A 12 4.86 3.06 9.46
N LEU A 13 5.24 4.24 9.00
CA LEU A 13 5.11 5.47 9.78
C LEU A 13 3.64 5.72 10.11
N ALA A 14 2.76 5.47 9.15
CA ALA A 14 1.32 5.61 9.33
C ALA A 14 0.82 4.80 10.54
N MSE A 15 1.22 3.53 10.61
CA MSE A 15 0.78 2.66 11.70
C MSE A 15 1.43 3.04 13.04
O MSE A 15 0.78 2.93 14.09
CB MSE A 15 0.99 1.19 11.37
CG MSE A 15 0.23 0.25 12.30
SE MSE A 15 -0.45 -1.36 11.45
CE MSE A 15 -1.85 -0.58 10.36
N THR A 16 2.67 3.48 12.99
CA THR A 16 3.37 4.01 14.16
C THR A 16 2.60 5.18 14.80
N GLU A 17 1.98 6.01 13.98
CA GLU A 17 1.17 7.15 14.47
C GLU A 17 -0.14 6.71 15.12
N THR A 18 -0.82 5.74 14.50
CA THR A 18 -2.04 5.15 15.05
C THR A 18 -1.74 4.53 16.40
N ILE A 19 -0.66 3.75 16.45
CA ILE A 19 -0.22 3.06 17.66
C ILE A 19 0.18 4.04 18.76
N GLY A 20 0.97 5.04 18.41
CA GLY A 20 1.42 6.06 19.37
C GLY A 20 0.26 6.85 19.97
N ALA A 21 -0.72 7.18 19.13
CA ALA A 21 -1.90 7.91 19.57
C ALA A 21 -2.75 7.07 20.55
N ALA A 22 -2.91 5.78 20.27
CA ALA A 22 -3.66 4.89 21.15
C ALA A 22 -2.96 4.73 22.50
N ALA A 23 -1.63 4.67 22.46
CA ALA A 23 -0.80 4.59 23.67
C ALA A 23 -0.91 5.84 24.55
N ARG A 24 -0.86 7.01 23.93
CA ARG A 24 -0.91 8.28 24.66
C ARG A 24 -2.29 8.57 25.27
N ALA A 25 -3.34 8.08 24.62
CA ALA A 25 -4.72 8.36 25.06
C ALA A 25 -5.09 7.74 26.40
N VAL A 26 -4.45 6.62 26.75
CA VAL A 26 -4.74 5.92 28.01
C VAL A 26 -3.61 6.06 29.04
N ALA A 27 -2.50 6.66 28.64
CA ALA A 27 -1.33 6.83 29.50
C ALA A 27 -1.66 7.61 30.77
N ALA A 28 -1.13 7.15 31.90
CA ALA A 28 -1.35 7.81 33.19
C ALA A 28 -0.57 9.13 33.25
N PRO A 29 -0.98 10.06 34.13
CA PRO A 29 -0.16 11.26 34.29
C PRO A 29 1.28 10.91 34.66
N GLY A 30 2.24 11.64 34.07
CA GLY A 30 3.66 11.37 34.34
C GLY A 30 4.28 10.33 33.43
N THR A 31 3.46 9.67 32.61
CA THR A 31 3.94 8.71 31.63
C THR A 31 4.22 9.38 30.29
N GLU A 32 5.44 9.23 29.79
CA GLU A 32 5.78 9.67 28.46
C GLU A 32 5.86 8.47 27.50
N ILE A 33 5.17 8.58 26.37
CA ILE A 33 5.22 7.56 25.34
C ILE A 33 6.29 7.91 24.31
N LEU A 34 7.17 6.96 24.04
CA LEU A 34 8.12 7.05 22.93
C LEU A 34 7.72 6.06 21.83
N ALA A 35 6.97 6.56 20.84
CA ALA A 35 6.49 5.73 19.74
C ALA A 35 7.56 5.61 18.65
N VAL A 36 8.06 4.40 18.44
CA VAL A 36 9.16 4.14 17.50
C VAL A 36 8.87 2.99 16.55
N CYS A 37 9.71 2.85 15.53
CA CYS A 37 9.67 1.72 14.60
C CYS A 37 11.11 1.43 14.13
N PRO A 38 11.37 0.22 13.60
CA PRO A 38 12.73 -0.08 13.16
C PRO A 38 13.15 0.76 11.94
N ARG A 39 14.46 0.93 11.76
CA ARG A 39 15.00 1.65 10.61
C ARG A 39 15.01 0.75 9.37
N ALA A 40 15.11 -0.56 9.61
CA ALA A 40 15.12 -1.54 8.54
C ALA A 40 14.13 -2.67 8.87
N GLY A 41 13.33 -3.06 7.88
CA GLY A 41 12.37 -4.14 8.07
C GLY A 41 11.30 -4.23 7.01
N VAL A 42 10.09 -4.57 7.44
CA VAL A 42 8.96 -4.83 6.55
C VAL A 42 7.83 -3.85 6.89
N PRO A 43 7.15 -3.30 5.85
CA PRO A 43 6.06 -2.31 6.08
C PRO A 43 4.84 -2.83 6.85
N SER A 44 4.57 -4.13 6.77
CA SER A 44 3.52 -4.76 7.57
C SER A 44 3.83 -6.22 7.86
N ILE A 45 3.24 -6.75 8.92
CA ILE A 45 3.58 -8.10 9.37
C ILE A 45 2.38 -9.03 9.19
N GLU A 46 2.51 -9.95 8.23
CA GLU A 46 1.41 -10.86 7.85
C GLU A 46 1.94 -12.26 7.53
N GLY A 47 2.57 -12.90 8.50
CA GLY A 47 3.12 -14.24 8.27
C GLY A 47 4.43 -14.44 8.99
N HIS A 48 4.96 -15.66 8.89
CA HIS A 48 6.12 -16.08 9.69
C HIS A 48 7.42 -15.40 9.25
N PHE A 49 7.57 -15.23 7.93
CA PHE A 49 8.71 -14.52 7.35
C PHE A 49 8.76 -13.08 7.87
N ASP A 50 7.64 -12.38 7.76
CA ASP A 50 7.50 -11.02 8.29
C ASP A 50 7.85 -10.92 9.78
N GLU A 51 7.37 -11.89 10.57
CA GLU A 51 7.63 -11.93 12.02
C GLU A 51 9.12 -12.03 12.36
N ALA A 52 9.83 -12.91 11.65
CA ALA A 52 11.25 -13.13 11.90
C ALA A 52 12.07 -11.87 11.61
N ILE A 53 11.68 -11.15 10.57
CA ILE A 53 12.30 -9.85 10.24
C ILE A 53 11.96 -8.81 11.30
N ALA A 54 10.69 -8.76 11.68
CA ALA A 54 10.22 -7.79 12.67
C ALA A 54 10.88 -7.97 14.04
N ALA A 55 11.15 -9.22 14.42
CA ALA A 55 11.79 -9.53 15.70
C ALA A 55 13.15 -8.85 15.85
N VAL A 56 13.91 -8.81 14.76
CA VAL A 56 15.24 -8.19 14.78
C VAL A 56 15.15 -6.65 14.85
N GLY A 57 14.14 -6.09 14.18
CA GLY A 57 13.83 -4.66 14.28
C GLY A 57 13.43 -4.26 15.70
N VAL A 58 12.58 -5.08 16.32
CA VAL A 58 12.24 -4.93 17.73
C VAL A 58 13.51 -4.87 18.58
N LEU A 59 14.45 -5.78 18.34
CA LEU A 59 15.67 -5.86 19.14
C LEU A 59 16.55 -4.61 19.00
N GLU A 60 16.60 -4.07 17.78
CA GLU A 60 17.31 -2.83 17.48
C GLU A 60 16.76 -1.68 18.31
N GLN A 61 15.43 -1.59 18.39
CA GLN A 61 14.77 -0.56 19.17
C GLN A 61 14.87 -0.79 20.70
N ILE A 62 14.79 -2.06 21.12
CA ILE A 62 15.00 -2.41 22.53
C ILE A 62 16.36 -1.88 23.00
N ARG A 63 17.40 -2.15 22.21
CA ARG A 63 18.74 -1.63 22.50
C ARG A 63 18.74 -0.11 22.65
N ALA A 64 18.11 0.59 21.69
CA ALA A 64 17.97 2.05 21.77
C ALA A 64 17.25 2.47 23.05
N GLY A 65 16.13 1.80 23.34
CA GLY A 65 15.37 2.05 24.55
C GLY A 65 16.18 1.90 25.82
N ARG A 66 16.93 0.79 25.89
CA ARG A 66 17.75 0.49 27.06
C ARG A 66 18.90 1.48 27.25
N GLU A 67 19.53 1.93 26.17
CA GLU A 67 20.60 2.93 26.30
C GLU A 67 20.06 4.31 26.67
N GLN A 68 18.78 4.54 26.38
CA GLN A 68 18.08 5.75 26.79
C GLN A 68 17.54 5.65 28.23
N GLY A 69 17.56 4.45 28.79
CA GLY A 69 17.08 4.22 30.16
C GLY A 69 15.56 4.27 30.33
N VAL A 70 14.82 3.76 29.35
CA VAL A 70 13.36 3.71 29.45
C VAL A 70 12.92 2.73 30.54
N ASP A 71 11.71 2.91 31.05
CA ASP A 71 11.20 2.07 32.13
C ASP A 71 10.60 0.75 31.64
N GLY A 72 10.17 0.72 30.38
CA GLY A 72 9.58 -0.47 29.80
C GLY A 72 9.29 -0.34 28.32
N HIS A 73 8.87 -1.44 27.71
CA HIS A 73 8.69 -1.51 26.28
C HIS A 73 7.40 -2.25 25.95
N VAL A 74 6.73 -1.82 24.88
CA VAL A 74 5.69 -2.64 24.28
C VAL A 74 6.01 -3.03 22.83
N ILE A 75 5.66 -4.27 22.49
CA ILE A 75 5.80 -4.76 21.13
C ILE A 75 4.42 -4.70 20.47
N ALA A 76 4.25 -3.71 19.60
CA ALA A 76 2.94 -3.36 19.05
C ALA A 76 2.60 -4.02 17.71
N CYS A 77 2.94 -5.31 17.58
CA CYS A 77 2.40 -6.17 16.54
C CYS A 77 1.74 -7.37 17.20
N PHE A 78 0.59 -7.78 16.66
CA PHE A 78 -0.22 -8.84 17.27
C PHE A 78 0.41 -10.25 17.23
N GLY A 79 1.55 -10.38 16.56
CA GLY A 79 2.32 -11.61 16.61
C GLY A 79 3.30 -11.64 17.78
N ASP A 80 3.34 -10.53 18.53
CA ASP A 80 4.35 -10.32 19.58
C ASP A 80 5.76 -10.78 19.15
N PRO A 81 6.22 -10.35 17.95
CA PRO A 81 7.50 -10.87 17.45
C PRO A 81 8.68 -10.49 18.35
N GLY A 82 9.53 -11.46 18.64
CA GLY A 82 10.74 -11.24 19.42
C GLY A 82 10.52 -10.94 20.90
N LEU A 83 9.35 -11.32 21.43
CA LEU A 83 9.01 -11.02 22.81
C LEU A 83 10.06 -11.54 23.82
N LEU A 84 10.40 -12.82 23.76
CA LEU A 84 11.33 -13.37 24.74
C LEU A 84 12.77 -12.90 24.52
N ALA A 85 13.16 -12.75 23.26
CA ALA A 85 14.47 -12.18 22.90
C ALA A 85 14.63 -10.77 23.46
N ALA A 86 13.54 -9.99 23.39
CA ALA A 86 13.49 -8.62 23.90
C ALA A 86 13.62 -8.58 25.42
N ARG A 87 12.94 -9.50 26.10
CA ARG A 87 12.99 -9.57 27.57
C ARG A 87 14.40 -9.89 28.06
N GLU A 88 15.12 -10.73 27.32
CA GLU A 88 16.53 -10.99 27.61
C GLU A 88 17.38 -9.73 27.51
N LEU A 89 17.14 -8.95 26.44
CA LEU A 89 17.95 -7.77 26.14
C LEU A 89 17.59 -6.59 27.04
N ALA A 90 16.31 -6.45 27.36
CA ALA A 90 15.83 -5.31 28.12
C ALA A 90 16.01 -5.46 29.62
N GLN A 91 16.07 -4.33 30.32
CA GLN A 91 16.08 -4.30 31.77
C GLN A 91 14.66 -4.15 32.27
N GLY A 92 13.93 -3.16 31.72
CA GLY A 92 12.53 -2.95 32.05
C GLY A 92 11.68 -4.06 31.45
N PRO A 93 10.41 -4.15 31.87
CA PRO A 93 9.56 -5.20 31.32
C PRO A 93 9.17 -4.93 29.87
N VAL A 94 8.93 -6.01 29.12
CA VAL A 94 8.49 -5.95 27.74
C VAL A 94 7.18 -6.70 27.59
N ILE A 95 6.14 -6.00 27.13
CA ILE A 95 4.80 -6.57 27.00
C ILE A 95 4.35 -6.56 25.56
N GLY A 96 3.87 -7.70 25.07
CA GLY A 96 3.30 -7.79 23.73
C GLY A 96 1.85 -7.35 23.69
N ILE A 97 1.38 -6.88 22.55
CA ILE A 97 -0.02 -6.44 22.46
C ILE A 97 -1.04 -7.58 22.37
N ALA A 98 -0.64 -8.73 21.82
CA ALA A 98 -1.52 -9.90 21.85
C ALA A 98 -1.60 -10.41 23.29
N GLU A 99 -0.44 -10.59 23.90
CA GLU A 99 -0.30 -10.96 25.30
C GLU A 99 -1.19 -10.10 26.20
N ALA A 100 -1.03 -8.77 26.10
CA ALA A 100 -1.79 -7.84 26.94
C ALA A 100 -3.30 -7.88 26.68
N ALA A 101 -3.70 -7.93 25.41
CA ALA A 101 -5.12 -7.94 25.06
C ALA A 101 -5.81 -9.21 25.56
N MSE A 102 -5.14 -10.35 25.38
CA MSE A 102 -5.65 -11.65 25.82
C MSE A 102 -5.77 -11.72 27.35
O MSE A 102 -6.78 -12.20 27.86
CB MSE A 102 -4.75 -12.77 25.29
CG MSE A 102 -4.82 -13.00 23.80
SE MSE A 102 -3.44 -14.24 23.15
CE MSE A 102 -3.93 -14.35 21.26
N HIS A 103 -4.74 -11.27 28.05
CA HIS A 103 -4.74 -11.21 29.51
C HIS A 103 -5.92 -10.39 30.04
N MSE A 104 -6.14 -9.19 29.49
CA MSE A 104 -7.25 -8.32 29.87
C MSE A 104 -8.59 -8.99 29.62
O MSE A 104 -9.52 -8.84 30.42
CB MSE A 104 -7.21 -7.00 29.11
CG MSE A 104 -6.00 -6.13 29.35
SE MSE A 104 -5.88 -5.36 31.13
CE MSE A 104 -5.32 -6.91 32.11
N ALA A 105 -8.68 -9.69 28.49
CA ALA A 105 -9.92 -10.32 28.07
C ALA A 105 -10.41 -11.35 29.09
N THR A 106 -9.48 -12.12 29.66
CA THR A 106 -9.84 -13.13 30.67
C THR A 106 -10.29 -12.49 31.99
N MSE A 107 -10.03 -11.20 32.16
CA MSE A 107 -10.42 -10.48 33.37
C MSE A 107 -11.83 -9.89 33.30
O MSE A 107 -12.39 -9.50 34.32
CB MSE A 107 -9.40 -9.38 33.70
CG MSE A 107 -8.08 -9.94 34.18
SE MSE A 107 -6.72 -8.56 34.30
CE MSE A 107 -5.16 -9.73 34.26
N VAL A 108 -12.39 -9.81 32.09
CA VAL A 108 -13.69 -9.15 31.90
C VAL A 108 -14.74 -10.02 31.20
N ALA A 109 -14.35 -11.24 30.81
CA ALA A 109 -15.24 -12.17 30.13
C ALA A 109 -14.77 -13.60 30.39
N THR A 110 -15.66 -14.57 30.23
CA THR A 110 -15.25 -15.97 30.38
C THR A 110 -14.47 -16.40 29.14
N ARG A 111 -14.99 -16.01 27.98
CA ARG A 111 -14.33 -16.32 26.71
C ARG A 111 -14.37 -15.13 25.78
N PHE A 112 -13.38 -15.06 24.90
CA PHE A 112 -13.30 -13.99 23.93
C PHE A 112 -13.20 -14.51 22.50
N SER A 113 -13.50 -13.63 21.55
CA SER A 113 -13.22 -13.92 20.14
C SER A 113 -12.16 -12.99 19.61
N ILE A 114 -11.36 -13.47 18.67
CA ILE A 114 -10.36 -12.65 18.00
C ILE A 114 -10.83 -12.25 16.60
N VAL A 115 -10.65 -10.97 16.29
CA VAL A 115 -10.90 -10.45 14.94
C VAL A 115 -9.59 -9.89 14.39
N THR A 116 -9.04 -10.58 13.40
CA THR A 116 -7.73 -10.23 12.86
C THR A 116 -7.80 -9.86 11.36
N THR A 117 -6.64 -9.81 10.70
CA THR A 117 -6.56 -9.28 9.34
C THR A 117 -6.71 -10.36 8.25
N LEU A 118 -5.62 -11.03 7.92
CA LEU A 118 -5.61 -12.04 6.86
C LEU A 118 -5.77 -13.43 7.45
N PRO A 119 -6.36 -14.37 6.68
CA PRO A 119 -6.45 -15.77 7.11
C PRO A 119 -5.13 -16.40 7.58
N ARG A 120 -4.01 -16.05 6.93
CA ARG A 120 -2.72 -16.66 7.24
C ARG A 120 -2.12 -16.25 8.60
N THR A 121 -2.72 -15.23 9.22
CA THR A 121 -2.28 -14.79 10.54
C THR A 121 -3.04 -15.52 11.65
N LEU A 122 -4.12 -16.23 11.30
CA LEU A 122 -4.90 -16.98 12.27
C LEU A 122 -4.06 -18.02 13.02
N ILE A 123 -3.26 -18.77 12.27
CA ILE A 123 -2.35 -19.78 12.86
C ILE A 123 -1.32 -19.13 13.81
N ILE A 124 -0.92 -17.90 13.52
CA ILE A 124 -0.01 -17.17 14.41
C ILE A 124 -0.72 -16.86 15.73
N ALA A 125 -1.96 -16.36 15.64
CA ALA A 125 -2.78 -16.12 16.82
C ALA A 125 -3.03 -17.41 17.61
N ARG A 126 -3.31 -18.52 16.91
CA ARG A 126 -3.56 -19.81 17.56
C ARG A 126 -2.34 -20.24 18.38
N HIS A 127 -1.15 -20.08 17.82
CA HIS A 127 0.10 -20.46 18.48
CA HIS A 127 0.06 -20.50 18.50
C HIS A 127 0.34 -19.65 19.75
N LEU A 128 0.02 -18.36 19.68
CA LEU A 128 0.15 -17.49 20.86
C LEU A 128 -0.84 -17.88 21.95
N LEU A 129 -2.06 -18.25 21.55
CA LEU A 129 -3.08 -18.72 22.49
C LEU A 129 -2.55 -19.91 23.30
N HIS A 130 -2.02 -20.91 22.59
CA HIS A 130 -1.43 -22.08 23.23
C HIS A 130 -0.20 -21.76 24.09
N GLN A 131 0.68 -20.90 23.57
CA GLN A 131 1.85 -20.45 24.33
C GLN A 131 1.50 -19.71 25.62
N TYR A 132 0.59 -18.74 25.54
CA TYR A 132 0.19 -17.97 26.71
C TYR A 132 -0.78 -18.73 27.63
N GLY A 133 -1.33 -19.85 27.12
CA GLY A 133 -2.23 -20.71 27.89
C GLY A 133 -3.70 -20.29 27.87
N PHE A 134 -4.09 -19.52 26.85
CA PHE A 134 -5.46 -18.98 26.79
C PHE A 134 -6.38 -19.65 25.80
N HIS A 135 -5.94 -20.78 25.24
CA HIS A 135 -6.70 -21.48 24.19
C HIS A 135 -8.13 -21.82 24.58
N GLN A 136 -8.33 -22.23 25.84
CA GLN A 136 -9.67 -22.57 26.33
C GLN A 136 -10.56 -21.34 26.49
N HIS A 137 -9.93 -20.18 26.68
CA HIS A 137 -10.62 -18.91 26.86
C HIS A 137 -10.99 -18.23 25.53
N CYS A 138 -10.51 -18.76 24.41
CA CYS A 138 -10.84 -18.21 23.10
C CYS A 138 -11.90 -19.04 22.39
N ALA A 139 -13.09 -18.46 22.23
CA ALA A 139 -14.21 -19.15 21.61
C ALA A 139 -14.01 -19.34 20.10
N ALA A 140 -13.46 -18.31 19.44
CA ALA A 140 -13.30 -18.33 17.99
C ALA A 140 -12.30 -17.27 17.50
N LEU A 141 -11.75 -17.52 16.31
CA LEU A 141 -10.87 -16.56 15.64
C LEU A 141 -11.42 -16.28 14.25
N HIS A 142 -11.43 -15.01 13.87
CA HIS A 142 -11.95 -14.58 12.57
C HIS A 142 -10.99 -13.62 11.90
N ALA A 143 -10.93 -13.69 10.57
CA ALA A 143 -10.17 -12.73 9.78
C ALA A 143 -11.14 -11.92 8.93
N ILE A 144 -10.83 -10.64 8.72
CA ILE A 144 -11.64 -9.79 7.85
C ILE A 144 -11.25 -9.95 6.37
N ASP A 145 -10.15 -10.68 6.13
CA ASP A 145 -9.63 -10.98 4.78
C ASP A 145 -9.19 -9.72 4.02
N LEU A 146 -8.52 -8.82 4.74
CA LEU A 146 -7.88 -7.65 4.15
C LEU A 146 -6.50 -7.50 4.75
N PRO A 147 -5.52 -7.04 3.94
CA PRO A 147 -4.17 -6.85 4.45
C PRO A 147 -4.14 -5.83 5.59
N VAL A 148 -3.12 -5.94 6.45
CA VAL A 148 -2.95 -5.06 7.61
C VAL A 148 -3.08 -3.58 7.25
N LEU A 149 -2.40 -3.16 6.19
CA LEU A 149 -2.35 -1.76 5.79
C LEU A 149 -3.67 -1.19 5.26
N ALA A 150 -4.62 -2.08 4.95
CA ALA A 150 -5.97 -1.64 4.57
C ALA A 150 -6.59 -0.76 5.66
N LEU A 151 -6.13 -0.94 6.90
CA LEU A 151 -6.61 -0.15 8.04
C LEU A 151 -6.13 1.31 7.98
N GLU A 152 -5.08 1.54 7.22
CA GLU A 152 -4.50 2.89 7.08
C GLU A 152 -4.79 3.53 5.72
N ASP A 153 -5.61 2.87 4.91
CA ASP A 153 -5.80 3.29 3.51
C ASP A 153 -6.87 4.35 3.30
N GLY A 154 -7.53 4.74 4.40
CA GLY A 154 -8.44 5.88 4.41
C GLY A 154 -9.88 5.63 4.01
N SER A 155 -10.16 4.45 3.45
CA SER A 155 -11.50 4.13 2.95
C SER A 155 -12.52 3.81 4.04
N GLY A 156 -12.06 3.38 5.21
CA GLY A 156 -12.93 2.93 6.29
C GLY A 156 -13.52 1.54 6.04
N LEU A 157 -13.06 0.89 4.98
CA LEU A 157 -13.56 -0.45 4.61
C LEU A 157 -13.19 -1.51 5.65
N ALA A 158 -11.91 -1.56 6.01
CA ALA A 158 -11.42 -2.53 6.99
C ALA A 158 -12.08 -2.31 8.36
N GLN A 159 -12.26 -1.04 8.72
CA GLN A 159 -12.93 -0.63 9.95
C GLN A 159 -14.37 -1.12 10.01
N GLU A 160 -15.08 -0.99 8.88
CA GLU A 160 -16.46 -1.47 8.78
C GLU A 160 -16.53 -2.99 8.88
N LYS A 161 -15.58 -3.67 8.24
CA LYS A 161 -15.51 -5.12 8.29
C LYS A 161 -15.19 -5.66 9.69
N VAL A 162 -14.39 -4.93 10.45
CA VAL A 162 -14.12 -5.29 11.86
C VAL A 162 -15.42 -5.23 12.65
N ARG A 163 -16.15 -4.13 12.49
CA ARG A 163 -17.44 -3.91 13.14
C ARG A 163 -18.41 -5.06 12.85
N GLU A 164 -18.61 -5.35 11.57
CA GLU A 164 -19.53 -6.43 11.13
C GLU A 164 -19.14 -7.79 11.69
N ARG A 165 -17.84 -8.07 11.74
CA ARG A 165 -17.37 -9.33 12.27
CA ARG A 165 -17.33 -9.32 12.27
C ARG A 165 -17.50 -9.41 13.79
N CYS A 166 -17.37 -8.28 14.46
CA CYS A 166 -17.56 -8.21 15.91
C CYS A 166 -19.01 -8.53 16.29
N ILE A 167 -19.95 -7.90 15.58
CA ILE A 167 -21.39 -8.16 15.75
C ILE A 167 -21.70 -9.64 15.50
N ARG A 168 -21.18 -10.17 14.39
CA ARG A 168 -21.38 -11.58 14.03
C ARG A 168 -20.84 -12.52 15.13
N ALA A 169 -19.63 -12.21 15.61
CA ALA A 169 -18.97 -12.98 16.65
C ALA A 169 -19.82 -13.06 17.92
N LEU A 170 -20.30 -11.89 18.37
CA LEU A 170 -21.10 -11.81 19.59
C LEU A 170 -22.44 -12.52 19.48
N LYS A 171 -22.94 -12.66 18.25
CA LYS A 171 -24.17 -13.37 17.99
C LYS A 171 -23.95 -14.89 17.97
N GLU A 172 -22.80 -15.33 17.46
CA GLU A 172 -22.59 -16.73 17.10
C GLU A 172 -21.62 -17.54 17.95
N ASP A 173 -20.59 -16.88 18.49
CA ASP A 173 -19.42 -17.57 19.07
C ASP A 173 -19.60 -18.09 20.50
N GLY A 174 -20.53 -17.50 21.25
CA GLY A 174 -20.66 -17.80 22.68
C GLY A 174 -19.53 -17.18 23.47
N SER A 175 -19.15 -15.95 23.09
CA SER A 175 -18.11 -15.21 23.80
C SER A 175 -18.65 -13.88 24.33
N GLY A 176 -17.99 -13.33 25.33
CA GLY A 176 -18.45 -12.10 25.97
C GLY A 176 -17.62 -10.87 25.64
N ALA A 177 -16.55 -11.05 24.87
CA ALA A 177 -15.62 -9.97 24.55
C ALA A 177 -14.88 -10.21 23.24
N ILE A 178 -14.35 -9.12 22.68
CA ILE A 178 -13.56 -9.18 21.46
C ILE A 178 -12.12 -8.76 21.73
N VAL A 179 -11.17 -9.52 21.21
CA VAL A 179 -9.78 -9.09 21.15
C VAL A 179 -9.46 -8.68 19.72
N LEU A 180 -9.06 -7.41 19.53
CA LEU A 180 -8.63 -6.93 18.21
C LEU A 180 -7.25 -7.50 17.88
N GLY A 181 -7.14 -8.10 16.70
CA GLY A 181 -5.94 -8.85 16.33
C GLY A 181 -4.94 -8.09 15.47
N CYS A 182 -4.90 -6.77 15.63
CA CYS A 182 -3.99 -5.94 14.85
C CYS A 182 -3.74 -4.61 15.55
N GLY A 183 -2.48 -4.21 15.58
CA GLY A 183 -2.08 -2.92 16.15
C GLY A 183 -2.80 -1.74 15.50
N GLY A 184 -3.08 -1.85 14.21
CA GLY A 184 -3.78 -0.82 13.45
C GLY A 184 -5.27 -0.66 13.76
N MSE A 185 -5.81 -1.60 14.54
CA MSE A 185 -7.22 -1.54 14.96
C MSE A 185 -7.37 -0.78 16.28
O MSE A 185 -8.50 -0.58 16.77
CB MSE A 185 -7.79 -2.95 15.12
CG MSE A 185 -7.88 -3.73 13.83
SE MSE A 185 -8.56 -5.54 14.12
CE MSE A 185 -8.27 -6.28 12.33
N ALA A 186 -6.24 -0.33 16.85
CA ALA A 186 -6.21 0.29 18.18
C ALA A 186 -7.27 1.37 18.38
N THR A 187 -7.45 2.19 17.35
CA THR A 187 -8.43 3.29 17.32
C THR A 187 -9.88 2.87 17.56
N LEU A 188 -10.22 1.63 17.20
CA LEU A 188 -11.60 1.16 17.19
C LEU A 188 -12.12 0.66 18.54
N ALA A 189 -11.20 0.30 19.43
CA ALA A 189 -11.56 -0.33 20.70
C ALA A 189 -12.64 0.44 21.47
N GLN A 190 -12.39 1.70 21.78
CA GLN A 190 -13.31 2.48 22.61
C GLN A 190 -14.68 2.71 21.96
N GLN A 191 -14.70 2.95 20.65
CA GLN A 191 -15.96 3.18 19.93
C GLN A 191 -16.80 1.91 19.83
N LEU A 192 -16.17 0.79 19.48
CA LEU A 192 -16.89 -0.49 19.41
C LEU A 192 -17.39 -0.94 20.78
N THR A 193 -16.59 -0.71 21.82
CA THR A 193 -16.99 -1.00 23.20
C THR A 193 -18.28 -0.28 23.57
N ARG A 194 -18.34 1.03 23.32
CA ARG A 194 -19.54 1.82 23.62
C ARG A 194 -20.72 1.39 22.74
N GLU A 195 -20.44 1.14 21.46
CA GLU A 195 -21.46 0.77 20.49
C GLU A 195 -22.06 -0.63 20.71
N LEU A 196 -21.19 -1.60 20.98
CA LEU A 196 -21.63 -3.00 21.13
C LEU A 196 -21.92 -3.38 22.58
N ARG A 197 -21.59 -2.49 23.50
CA ARG A 197 -21.81 -2.69 24.94
C ARG A 197 -21.18 -3.98 25.50
N VAL A 198 -19.99 -4.30 25.01
CA VAL A 198 -19.14 -5.37 25.53
C VAL A 198 -17.70 -4.89 25.43
N PRO A 199 -16.77 -5.50 26.20
CA PRO A 199 -15.38 -5.09 26.08
C PRO A 199 -14.82 -5.45 24.70
N VAL A 200 -14.33 -4.45 23.97
CA VAL A 200 -13.58 -4.67 22.74
C VAL A 200 -12.19 -4.14 23.02
N ILE A 201 -11.21 -5.04 22.98
CA ILE A 201 -9.92 -4.75 23.60
C ILE A 201 -8.80 -4.55 22.60
N ASP A 202 -8.16 -3.38 22.73
CA ASP A 202 -6.95 -3.06 21.99
C ASP A 202 -5.73 -3.38 22.86
N GLY A 203 -4.87 -4.25 22.35
CA GLY A 203 -3.66 -4.64 23.04
C GLY A 203 -2.63 -3.53 23.27
N VAL A 204 -2.63 -2.51 22.40
CA VAL A 204 -1.69 -1.39 22.53
C VAL A 204 -1.91 -0.64 23.83
N SER A 205 -3.11 -0.11 24.02
CA SER A 205 -3.47 0.54 25.27
C SER A 205 -3.29 -0.41 26.47
N ALA A 206 -3.74 -1.66 26.32
CA ALA A 206 -3.64 -2.66 27.39
C ALA A 206 -2.19 -2.88 27.82
N ALA A 207 -1.28 -2.99 26.84
CA ALA A 207 0.15 -3.17 27.12
C ALA A 207 0.79 -1.97 27.82
N VAL A 208 0.32 -0.76 27.49
CA VAL A 208 0.80 0.45 28.15
C VAL A 208 0.50 0.37 29.65
N LYS A 209 -0.75 0.04 29.97
CA LYS A 209 -1.18 -0.09 31.36
C LYS A 209 -0.41 -1.17 32.13
N MSE A 210 -0.10 -2.28 31.47
CA MSE A 210 0.70 -3.36 32.08
C MSE A 210 2.11 -2.89 32.44
O MSE A 210 2.61 -3.20 33.52
CB MSE A 210 0.77 -4.58 31.19
CG MSE A 210 -0.56 -5.24 30.92
SE MSE A 210 -1.46 -5.87 32.55
CE MSE A 210 -2.65 -7.11 31.64
N VAL A 211 2.76 -2.17 31.52
CA VAL A 211 4.10 -1.63 31.80
C VAL A 211 4.04 -0.68 32.97
N GLU A 212 3.03 0.20 32.97
CA GLU A 212 2.82 1.16 34.06
C GLU A 212 2.57 0.45 35.39
N SER A 213 1.75 -0.59 35.35
CA SER A 213 1.44 -1.37 36.54
C SER A 213 2.69 -2.03 37.10
N LEU A 214 3.43 -2.73 36.23
CA LEU A 214 4.66 -3.41 36.63
C LEU A 214 5.70 -2.44 37.20
N VAL A 215 5.85 -1.27 36.58
CA VAL A 215 6.78 -0.25 37.07
C VAL A 215 6.36 0.24 38.46
N ALA A 216 5.08 0.54 38.64
CA ALA A 216 4.55 0.98 39.93
C ALA A 216 4.72 -0.09 41.01
N LEU A 217 4.68 -1.37 40.61
CA LEU A 217 4.86 -2.49 41.52
C LEU A 217 6.32 -2.80 41.81
N GLY A 218 7.24 -2.06 41.19
CA GLY A 218 8.67 -2.34 41.32
C GLY A 218 9.05 -3.71 40.77
N LEU A 219 8.37 -4.15 39.72
CA LEU A 219 8.65 -5.44 39.11
C LEU A 219 9.23 -5.27 37.71
N ALA A 220 10.30 -5.98 37.44
CA ALA A 220 10.94 -5.96 36.14
C ALA A 220 11.24 -7.39 35.71
N THR A 221 11.65 -7.57 34.47
CA THR A 221 12.01 -8.90 33.96
C THR A 221 13.04 -9.58 34.85
N SER A 222 12.78 -10.84 35.18
CA SER A 222 13.74 -11.64 35.94
C SER A 222 15.02 -11.87 35.16
N LYS A 223 16.14 -11.57 35.79
CA LYS A 223 17.45 -11.80 35.18
C LYS A 223 18.09 -13.09 35.70
N HIS A 224 17.26 -13.89 36.35
CA HIS A 224 17.68 -15.18 36.89
C HIS A 224 17.23 -16.26 35.91
N GLY A 225 18.20 -16.86 35.20
CA GLY A 225 17.91 -17.99 34.31
C GLY A 225 17.49 -17.67 32.90
N ASP A 226 16.26 -18.06 32.56
CA ASP A 226 15.78 -18.08 31.17
C ASP A 226 15.82 -16.73 30.45
N LEU A 227 15.54 -15.66 31.19
CA LEU A 227 15.47 -14.33 30.59
C LEU A 227 16.64 -13.44 31.03
N ALA A 228 17.74 -14.08 31.42
CA ALA A 228 18.96 -13.36 31.76
C ALA A 228 19.45 -12.63 30.52
N PHE A 229 20.29 -11.62 30.72
CA PHE A 229 20.92 -10.94 29.59
C PHE A 229 21.60 -11.98 28.71
N PRO A 230 21.60 -11.76 27.38
CA PRO A 230 22.24 -12.73 26.48
C PRO A 230 23.69 -13.02 26.89
N GLU A 231 24.17 -14.24 26.66
CA GLU A 231 25.57 -14.55 26.86
C GLU A 231 26.40 -13.60 25.98
N LYS A 232 27.50 -13.08 26.53
CA LYS A 232 28.34 -12.11 25.83
C LYS A 232 28.98 -12.76 24.60
N LYS A 233 28.63 -12.27 23.42
CA LYS A 233 29.08 -12.87 22.15
C LYS A 233 29.39 -11.81 21.11
N ALA A 234 30.32 -12.13 20.22
CA ALA A 234 30.66 -11.24 19.10
C ALA A 234 29.63 -11.36 17.98
N LEU A 235 28.87 -10.29 17.76
CA LEU A 235 27.85 -10.28 16.72
C LEU A 235 28.43 -9.66 15.44
N SER A 236 28.23 -10.34 14.32
CA SER A 236 28.83 -9.90 13.06
C SER A 236 27.83 -9.23 12.11
N GLY A 237 28.39 -8.46 11.17
CA GLY A 237 27.61 -7.80 10.14
C GLY A 237 26.60 -6.82 10.70
N GLN A 238 25.41 -6.83 10.11
CA GLN A 238 24.32 -5.94 10.50
C GLN A 238 23.79 -6.16 11.92
N PHE A 239 24.23 -7.24 12.56
CA PHE A 239 23.80 -7.57 13.92
C PHE A 239 24.71 -6.98 15.01
N GLN A 240 25.87 -6.44 14.61
CA GLN A 240 26.90 -6.01 15.57
C GLN A 240 26.47 -4.88 16.51
N SER A 241 25.44 -4.13 16.13
CA SER A 241 24.95 -3.03 16.97
C SER A 241 23.97 -3.47 18.07
N LEU A 242 23.51 -4.72 18.01
CA LEU A 242 22.39 -5.17 18.85
C LEU A 242 22.65 -5.26 20.36
N ASN A 243 23.88 -5.57 20.75
CA ASN A 243 24.19 -5.76 22.16
C ASN A 243 25.53 -5.14 22.58
N PRO A 244 25.60 -3.79 22.61
CA PRO A 244 26.85 -3.11 22.98
C PRO A 244 27.16 -3.19 24.48
N PHE A 245 26.17 -3.61 25.27
CA PHE A 245 26.29 -3.71 26.71
C PHE A 245 27.21 -4.88 27.11
N SER B 1 2.04 -16.59 -12.54
CA SER B 1 0.95 -15.63 -12.84
C SER B 1 1.44 -14.20 -12.61
N VAL B 2 1.09 -13.31 -13.53
CA VAL B 2 1.53 -11.91 -13.46
C VAL B 2 0.31 -11.01 -13.37
N ARG B 3 0.24 -10.18 -12.33
CA ARG B 3 -0.90 -9.28 -12.15
C ARG B 3 -0.54 -7.83 -12.44
N ILE B 4 -1.25 -7.22 -13.38
CA ILE B 4 -0.95 -5.86 -13.83
C ILE B 4 -2.13 -4.93 -13.61
N GLN B 5 -1.91 -3.91 -12.79
CA GLN B 5 -2.95 -2.94 -12.50
C GLN B 5 -2.93 -1.85 -13.57
N VAL B 6 -4.00 -1.80 -14.36
CA VAL B 6 -4.13 -0.76 -15.36
C VAL B 6 -5.02 0.34 -14.80
N ILE B 7 -4.43 1.52 -14.60
CA ILE B 7 -5.10 2.61 -13.92
C ILE B 7 -5.58 3.67 -14.90
N ASN B 8 -6.90 3.77 -15.02
CA ASN B 8 -7.51 4.92 -15.64
C ASN B 8 -7.55 6.03 -14.60
N PRO B 9 -6.75 7.11 -14.82
CA PRO B 9 -6.67 8.19 -13.83
C PRO B 9 -7.92 9.05 -13.73
N ASN B 10 -8.82 8.96 -14.71
CA ASN B 10 -10.10 9.65 -14.63
C ASN B 10 -11.23 8.74 -14.07
N THR B 11 -12.34 9.35 -13.66
CA THR B 11 -13.42 8.63 -12.95
C THR B 11 -14.46 7.96 -13.85
N SER B 12 -14.29 8.08 -15.17
CA SER B 12 -15.23 7.51 -16.13
C SER B 12 -15.19 5.98 -16.15
N LEU B 13 -16.28 5.36 -15.69
CA LEU B 13 -16.41 3.90 -15.69
C LEU B 13 -16.42 3.34 -17.11
N ALA B 14 -16.94 4.12 -18.05
CA ALA B 14 -17.02 3.72 -19.45
C ALA B 14 -15.63 3.61 -20.08
N MSE B 15 -14.77 4.58 -19.79
CA MSE B 15 -13.41 4.58 -20.33
C MSE B 15 -12.55 3.50 -19.69
O MSE B 15 -11.69 2.91 -20.35
CB MSE B 15 -12.74 5.96 -20.21
CG MSE B 15 -11.51 6.12 -21.09
SE MSE B 15 -11.07 7.99 -21.46
CE MSE B 15 -12.48 8.38 -22.76
N THR B 16 -12.80 3.21 -18.42
CA THR B 16 -12.11 2.15 -17.68
C THR B 16 -12.38 0.80 -18.36
N GLU B 17 -13.62 0.61 -18.81
CA GLU B 17 -14.02 -0.56 -19.58
C GLU B 17 -13.28 -0.65 -20.92
N THR B 18 -13.22 0.47 -21.64
CA THR B 18 -12.51 0.54 -22.91
C THR B 18 -11.03 0.22 -22.72
N ILE B 19 -10.44 0.84 -21.71
CA ILE B 19 -9.03 0.66 -21.37
C ILE B 19 -8.74 -0.79 -20.96
N GLY B 20 -9.57 -1.32 -20.06
CA GLY B 20 -9.46 -2.71 -19.61
C GLY B 20 -9.52 -3.71 -20.74
N ALA B 21 -10.52 -3.57 -21.62
CA ALA B 21 -10.66 -4.46 -22.77
C ALA B 21 -9.43 -4.45 -23.67
N ALA B 22 -8.89 -3.26 -23.93
CA ALA B 22 -7.69 -3.11 -24.74
C ALA B 22 -6.49 -3.82 -24.11
N ALA B 23 -6.35 -3.64 -22.80
CA ALA B 23 -5.30 -4.29 -22.02
C ALA B 23 -5.41 -5.81 -22.12
N ARG B 24 -6.61 -6.34 -21.84
CA ARG B 24 -6.87 -7.77 -21.90
C ARG B 24 -6.63 -8.39 -23.27
N ALA B 25 -6.96 -7.65 -24.33
CA ALA B 25 -6.86 -8.14 -25.70
C ALA B 25 -5.44 -8.50 -26.15
N VAL B 26 -4.42 -7.93 -25.51
CA VAL B 26 -3.03 -8.18 -25.90
C VAL B 26 -2.21 -8.90 -24.84
N ALA B 27 -2.79 -9.09 -23.66
CA ALA B 27 -2.11 -9.68 -22.52
C ALA B 27 -1.67 -11.12 -22.79
N ALA B 28 -0.44 -11.44 -22.41
CA ALA B 28 0.10 -12.79 -22.56
C ALA B 28 -0.68 -13.78 -21.69
N PRO B 29 -0.64 -15.08 -22.04
CA PRO B 29 -1.27 -16.08 -21.17
C PRO B 29 -0.61 -16.08 -19.80
N GLY B 30 -1.42 -16.05 -18.75
CA GLY B 30 -0.90 -15.98 -17.39
C GLY B 30 -0.84 -14.58 -16.83
N THR B 31 -1.27 -13.59 -17.63
CA THR B 31 -1.38 -12.21 -17.16
C THR B 31 -2.82 -11.90 -16.79
N GLU B 32 -3.01 -11.38 -15.58
CA GLU B 32 -4.30 -10.89 -15.13
C GLU B 32 -4.30 -9.36 -15.11
N ILE B 33 -5.29 -8.78 -15.78
CA ILE B 33 -5.45 -7.33 -15.83
C ILE B 33 -6.42 -6.88 -14.74
N LEU B 34 -6.01 -5.86 -14.00
CA LEU B 34 -6.87 -5.23 -13.01
C LEU B 34 -7.11 -3.78 -13.43
N ALA B 35 -8.26 -3.56 -14.07
CA ALA B 35 -8.62 -2.25 -14.62
C ALA B 35 -9.38 -1.43 -13.59
N VAL B 36 -8.73 -0.37 -13.10
CA VAL B 36 -9.30 0.44 -12.03
C VAL B 36 -9.31 1.93 -12.37
N CYS B 37 -10.08 2.69 -11.61
CA CYS B 37 -10.08 4.15 -11.69
C CYS B 37 -10.16 4.71 -10.28
N PRO B 38 -9.84 6.01 -10.08
CA PRO B 38 -9.88 6.55 -8.73
C PRO B 38 -11.30 6.64 -8.19
N ARG B 39 -11.43 6.55 -6.87
CA ARG B 39 -12.73 6.64 -6.20
C ARG B 39 -13.29 8.05 -6.32
N ALA B 40 -12.40 9.04 -6.35
CA ALA B 40 -12.78 10.45 -6.49
C ALA B 40 -11.78 11.20 -7.37
N GLY B 41 -12.27 12.12 -8.18
CA GLY B 41 -11.40 12.94 -9.02
C GLY B 41 -12.09 13.66 -10.16
N VAL B 42 -11.59 13.43 -11.37
CA VAL B 42 -12.00 14.19 -12.53
C VAL B 42 -12.56 13.21 -13.58
N PRO B 43 -13.66 13.60 -14.28
CA PRO B 43 -14.29 12.69 -15.26
C PRO B 43 -13.41 12.44 -16.49
N SER B 44 -12.56 13.41 -16.80
CA SER B 44 -11.65 13.33 -17.93
C SER B 44 -10.50 14.29 -17.70
N ILE B 45 -9.38 14.06 -18.39
CA ILE B 45 -8.16 14.82 -18.14
C ILE B 45 -7.79 15.66 -19.36
N GLU B 46 -7.98 16.98 -19.23
CA GLU B 46 -7.89 17.92 -20.34
C GLU B 46 -7.12 19.19 -19.98
N GLY B 47 -5.95 19.03 -19.38
CA GLY B 47 -5.14 20.17 -18.99
C GLY B 47 -4.31 19.91 -17.74
N HIS B 48 -3.57 20.93 -17.32
CA HIS B 48 -2.60 20.80 -16.23
C HIS B 48 -3.27 20.64 -14.86
N PHE B 49 -4.37 21.35 -14.65
CA PHE B 49 -5.13 21.22 -13.40
C PHE B 49 -5.67 19.80 -13.26
N ASP B 50 -6.33 19.31 -14.31
CA ASP B 50 -6.85 17.95 -14.35
C ASP B 50 -5.76 16.90 -14.11
N GLU B 51 -4.56 17.14 -14.65
CA GLU B 51 -3.44 16.22 -14.44
C GLU B 51 -2.99 16.14 -12.98
N ALA B 52 -3.00 17.28 -12.29
CA ALA B 52 -2.57 17.33 -10.89
C ALA B 52 -3.51 16.53 -9.99
N ILE B 53 -4.82 16.62 -10.28
CA ILE B 53 -5.82 15.79 -9.59
C ILE B 53 -5.68 14.32 -9.99
N ALA B 54 -5.46 14.07 -11.27
CA ALA B 54 -5.26 12.70 -11.76
C ALA B 54 -4.05 12.05 -11.12
N ALA B 55 -3.02 12.85 -10.83
CA ALA B 55 -1.80 12.35 -10.19
C ALA B 55 -2.06 11.74 -8.82
N VAL B 56 -2.82 12.44 -7.97
CA VAL B 56 -3.20 11.87 -6.66
C VAL B 56 -4.11 10.65 -6.83
N GLY B 57 -5.00 10.69 -7.80
CA GLY B 57 -5.85 9.55 -8.13
C GLY B 57 -5.02 8.34 -8.52
N VAL B 58 -3.98 8.58 -9.31
CA VAL B 58 -3.02 7.52 -9.65
C VAL B 58 -2.37 6.97 -8.38
N LEU B 59 -1.91 7.85 -7.52
CA LEU B 59 -1.21 7.45 -6.29
C LEU B 59 -2.11 6.65 -5.33
N GLU B 60 -3.38 7.07 -5.22
CA GLU B 60 -4.41 6.30 -4.51
C GLU B 60 -4.48 4.86 -5.02
N GLN B 61 -4.55 4.70 -6.34
CA GLN B 61 -4.60 3.37 -6.96
C GLN B 61 -3.28 2.60 -6.88
N ILE B 62 -2.16 3.31 -7.00
CA ILE B 62 -0.84 2.68 -6.82
C ILE B 62 -0.73 2.07 -5.43
N ARG B 63 -1.16 2.82 -4.41
CA ARG B 63 -1.21 2.33 -3.04
C ARG B 63 -2.04 1.05 -2.98
N ALA B 64 -3.26 1.11 -3.53
CA ALA B 64 -4.17 -0.03 -3.54
C ALA B 64 -3.56 -1.24 -4.23
N GLY B 65 -2.88 -1.01 -5.35
CA GLY B 65 -2.22 -2.07 -6.10
C GLY B 65 -1.06 -2.68 -5.35
N ARG B 66 -0.28 -1.82 -4.69
CA ARG B 66 0.88 -2.27 -3.90
C ARG B 66 0.41 -3.06 -2.66
N GLU B 67 -0.73 -2.67 -2.09
CA GLU B 67 -1.36 -3.43 -0.99
C GLU B 67 -1.75 -4.84 -1.40
N GLN B 68 -2.12 -5.01 -2.68
CA GLN B 68 -2.54 -6.30 -3.22
C GLN B 68 -1.37 -7.11 -3.78
N GLY B 69 -0.19 -6.50 -3.82
CA GLY B 69 1.02 -7.18 -4.30
C GLY B 69 1.07 -7.40 -5.81
N VAL B 70 0.54 -6.44 -6.58
CA VAL B 70 0.62 -6.50 -8.06
C VAL B 70 2.08 -6.41 -8.54
N ASP B 71 2.31 -6.88 -9.76
CA ASP B 71 3.68 -6.96 -10.31
C ASP B 71 4.08 -5.70 -11.09
N GLY B 72 3.08 -4.93 -11.54
CA GLY B 72 3.31 -3.70 -12.27
C GLY B 72 2.07 -2.85 -12.43
N HIS B 73 2.26 -1.62 -12.91
CA HIS B 73 1.16 -0.69 -13.06
C HIS B 73 1.29 0.04 -14.39
N VAL B 74 0.15 0.42 -14.95
CA VAL B 74 0.15 1.34 -16.08
C VAL B 74 -0.76 2.54 -15.82
N ILE B 75 -0.25 3.71 -16.20
CA ILE B 75 -1.01 4.94 -16.08
C ILE B 75 -1.65 5.20 -17.44
N ALA B 76 -2.95 4.95 -17.52
CA ALA B 76 -3.68 5.00 -18.80
C ALA B 76 -4.31 6.36 -19.08
N CYS B 77 -3.48 7.40 -18.95
CA CYS B 77 -3.80 8.72 -19.42
C CYS B 77 -2.61 9.21 -20.21
N PHE B 78 -2.87 9.83 -21.37
CA PHE B 78 -1.81 10.22 -22.30
C PHE B 78 -0.93 11.36 -21.80
N GLY B 79 -1.33 12.00 -20.71
CA GLY B 79 -0.47 12.94 -20.01
C GLY B 79 0.50 12.29 -19.02
N ASP B 80 0.42 10.96 -18.91
CA ASP B 80 1.20 10.20 -17.92
C ASP B 80 1.24 10.88 -16.54
N PRO B 81 0.07 11.31 -16.01
CA PRO B 81 0.09 12.09 -14.77
C PRO B 81 0.64 11.27 -13.60
N GLY B 82 1.53 11.89 -12.82
CA GLY B 82 2.06 11.29 -11.61
C GLY B 82 3.07 10.17 -11.82
N LEU B 83 3.64 10.07 -13.02
CA LEU B 83 4.49 8.92 -13.37
C LEU B 83 5.62 8.70 -12.36
N LEU B 84 6.43 9.73 -12.10
CA LEU B 84 7.61 9.59 -11.25
C LEU B 84 7.24 9.47 -9.77
N ALA B 85 6.21 10.20 -9.34
CA ALA B 85 5.64 10.02 -8.01
C ALA B 85 5.21 8.58 -7.80
N ALA B 86 4.55 8.01 -8.82
CA ALA B 86 4.09 6.62 -8.77
C ALA B 86 5.24 5.64 -8.68
N ARG B 87 6.32 5.91 -9.42
CA ARG B 87 7.50 5.04 -9.41
C ARG B 87 8.18 5.03 -8.05
N GLU B 88 8.13 6.16 -7.34
CA GLU B 88 8.64 6.22 -5.97
C GLU B 88 7.81 5.31 -5.04
N LEU B 89 6.48 5.43 -5.13
CA LEU B 89 5.56 4.71 -4.24
C LEU B 89 5.50 3.21 -4.56
N ALA B 90 5.55 2.88 -5.83
CA ALA B 90 5.40 1.50 -6.29
C ALA B 90 6.69 0.71 -6.21
N GLN B 91 6.56 -0.59 -6.02
CA GLN B 91 7.69 -1.49 -6.07
C GLN B 91 7.86 -2.01 -7.50
N GLY B 92 6.76 -2.49 -8.08
CA GLY B 92 6.78 -2.94 -9.47
C GLY B 92 6.89 -1.75 -10.42
N PRO B 93 7.31 -2.00 -11.67
CA PRO B 93 7.45 -0.91 -12.65
C PRO B 93 6.12 -0.20 -12.90
N VAL B 94 6.21 1.10 -13.19
CA VAL B 94 5.06 1.88 -13.60
C VAL B 94 5.36 2.45 -14.99
N ILE B 95 4.47 2.19 -15.94
CA ILE B 95 4.64 2.64 -17.33
C ILE B 95 3.45 3.52 -17.74
N GLY B 96 3.76 4.70 -18.29
CA GLY B 96 2.73 5.61 -18.80
C GLY B 96 2.37 5.22 -20.22
N ILE B 97 1.13 5.50 -20.64
CA ILE B 97 0.71 5.14 -22.01
C ILE B 97 1.31 6.05 -23.10
N ALA B 98 1.54 7.32 -22.82
CA ALA B 98 2.28 8.17 -23.76
C ALA B 98 3.71 7.66 -23.88
N GLU B 99 4.34 7.44 -22.74
CA GLU B 99 5.67 6.86 -22.67
C GLU B 99 5.76 5.60 -23.55
N ALA B 100 4.86 4.64 -23.30
CA ALA B 100 4.89 3.36 -24.03
C ALA B 100 4.67 3.52 -25.53
N ALA B 101 3.65 4.28 -25.92
CA ALA B 101 3.34 4.50 -27.34
C ALA B 101 4.52 5.12 -28.08
N MSE B 102 5.11 6.14 -27.48
CA MSE B 102 6.25 6.85 -28.06
C MSE B 102 7.46 5.94 -28.26
O MSE B 102 8.06 5.93 -29.34
CB MSE B 102 6.62 8.08 -27.23
CG MSE B 102 5.63 9.24 -27.33
SE MSE B 102 5.93 10.64 -25.98
CE MSE B 102 4.36 11.76 -26.35
N HIS B 103 7.82 5.17 -27.22
CA HIS B 103 8.93 4.22 -27.28
C HIS B 103 8.74 3.22 -28.44
N MSE B 104 7.54 2.64 -28.53
CA MSE B 104 7.22 1.67 -29.58
C MSE B 104 7.34 2.27 -30.98
O MSE B 104 7.85 1.62 -31.89
CB MSE B 104 5.81 1.12 -29.42
CG MSE B 104 5.56 0.37 -28.14
SE MSE B 104 6.48 -1.33 -28.03
CE MSE B 104 5.13 -2.22 -26.98
N ALA B 105 6.83 3.50 -31.14
CA ALA B 105 6.84 4.19 -32.41
C ALA B 105 8.24 4.32 -32.99
N THR B 106 9.23 4.62 -32.14
CA THR B 106 10.63 4.76 -32.58
C THR B 106 11.25 3.42 -33.00
N MSE B 107 10.58 2.32 -32.68
CA MSE B 107 11.03 0.99 -33.07
C MSE B 107 10.47 0.53 -34.42
O MSE B 107 11.00 -0.43 -35.00
CB MSE B 107 10.69 -0.04 -31.98
CG MSE B 107 11.47 0.16 -30.68
SE MSE B 107 10.73 -0.95 -29.26
CE MSE B 107 11.28 0.16 -27.72
N VAL B 108 9.45 1.20 -34.94
CA VAL B 108 8.81 0.79 -36.20
C VAL B 108 8.77 1.88 -37.28
N ALA B 109 9.26 3.07 -36.95
CA ALA B 109 9.25 4.19 -37.87
C ALA B 109 10.39 5.15 -37.53
N THR B 110 10.84 5.92 -38.52
CA THR B 110 11.84 6.95 -38.24
C THR B 110 11.17 8.07 -37.46
N ARG B 111 9.97 8.47 -37.90
CA ARG B 111 9.25 9.56 -37.24
C ARG B 111 7.76 9.25 -37.13
N PHE B 112 7.13 9.82 -36.12
CA PHE B 112 5.72 9.63 -35.90
C PHE B 112 4.96 10.95 -35.78
N SER B 113 3.64 10.86 -35.92
CA SER B 113 2.75 11.98 -35.66
C SER B 113 1.81 11.61 -34.53
N ILE B 114 1.39 12.60 -33.76
CA ILE B 114 0.47 12.39 -32.66
C ILE B 114 -0.91 12.94 -33.02
N VAL B 115 -1.94 12.15 -32.71
CA VAL B 115 -3.32 12.60 -32.86
C VAL B 115 -4.04 12.52 -31.51
N THR B 116 -4.36 13.69 -30.97
CA THR B 116 -4.96 13.76 -29.63
C THR B 116 -6.33 14.47 -29.64
N THR B 117 -6.82 14.84 -28.46
CA THR B 117 -8.21 15.33 -28.31
C THR B 117 -8.35 16.84 -28.47
N LEU B 118 -8.06 17.59 -27.41
CA LEU B 118 -8.21 19.03 -27.41
C LEU B 118 -6.89 19.75 -27.71
N PRO B 119 -6.96 20.89 -28.45
CA PRO B 119 -5.77 21.70 -28.72
C PRO B 119 -4.95 22.02 -27.46
N ARG B 120 -5.62 22.23 -26.34
CA ARG B 120 -4.93 22.59 -25.09
C ARG B 120 -4.09 21.46 -24.50
N THR B 121 -4.25 20.24 -25.00
CA THR B 121 -3.46 19.10 -24.55
C THR B 121 -2.17 18.91 -25.35
N LEU B 122 -2.02 19.63 -26.47
CA LEU B 122 -0.83 19.53 -27.32
C LEU B 122 0.46 19.90 -26.58
N ILE B 123 0.45 21.00 -25.85
CA ILE B 123 1.58 21.44 -25.03
C ILE B 123 2.01 20.37 -24.01
N ILE B 124 1.05 19.61 -23.48
CA ILE B 124 1.34 18.52 -22.56
C ILE B 124 2.07 17.38 -23.27
N ALA B 125 1.61 17.03 -24.48
CA ALA B 125 2.33 16.08 -25.31
C ALA B 125 3.74 16.60 -25.68
N ARG B 126 3.85 17.89 -25.98
CA ARG B 126 5.14 18.51 -26.27
C ARG B 126 6.13 18.36 -25.12
N HIS B 127 5.70 18.69 -23.90
CA HIS B 127 6.52 18.54 -22.69
C HIS B 127 6.96 17.10 -22.51
N LEU B 128 6.04 16.15 -22.72
CA LEU B 128 6.40 14.73 -22.64
C LEU B 128 7.44 14.31 -23.69
N LEU B 129 7.25 14.74 -24.93
CA LEU B 129 8.26 14.49 -25.98
C LEU B 129 9.64 14.95 -25.51
N HIS B 130 9.74 16.18 -25.02
CA HIS B 130 11.01 16.71 -24.55
C HIS B 130 11.56 15.95 -23.34
N GLN B 131 10.68 15.57 -22.41
CA GLN B 131 11.06 14.81 -21.21
C GLN B 131 11.60 13.41 -21.51
N TYR B 132 10.94 12.70 -22.41
CA TYR B 132 11.35 11.32 -22.72
C TYR B 132 12.48 11.28 -23.76
N GLY B 133 12.67 12.38 -24.48
CA GLY B 133 13.79 12.52 -25.42
C GLY B 133 13.41 12.27 -26.87
N PHE B 134 12.11 12.31 -27.17
CA PHE B 134 11.62 11.94 -28.50
C PHE B 134 11.22 13.11 -29.40
N HIS B 135 11.54 14.33 -28.97
CA HIS B 135 11.21 15.55 -29.73
C HIS B 135 11.55 15.47 -31.22
N GLN B 136 12.75 14.99 -31.53
CA GLN B 136 13.22 14.89 -32.91
C GLN B 136 12.53 13.76 -33.69
N HIS B 137 11.93 12.81 -32.98
CA HIS B 137 11.22 11.70 -33.62
C HIS B 137 9.75 11.98 -33.89
N CYS B 138 9.25 13.12 -33.41
CA CYS B 138 7.86 13.49 -33.68
C CYS B 138 7.76 14.55 -34.78
N ALA B 139 7.14 14.16 -35.88
CA ALA B 139 6.99 15.03 -37.05
C ALA B 139 5.94 16.11 -36.82
N ALA B 140 4.86 15.77 -36.12
CA ALA B 140 3.74 16.70 -35.91
C ALA B 140 2.81 16.25 -34.79
N LEU B 141 2.05 17.19 -34.26
CA LEU B 141 1.02 16.91 -33.28
C LEU B 141 -0.28 17.55 -33.74
N HIS B 142 -1.37 16.79 -33.65
CA HIS B 142 -2.67 17.25 -34.08
C HIS B 142 -3.73 16.93 -33.04
N ALA B 143 -4.67 17.85 -32.87
CA ALA B 143 -5.84 17.61 -32.05
C ALA B 143 -7.08 17.53 -32.93
N ILE B 144 -7.98 16.62 -32.62
CA ILE B 144 -9.24 16.49 -33.37
C ILE B 144 -10.20 17.63 -33.00
N ASP B 145 -9.99 18.23 -31.83
CA ASP B 145 -10.78 19.36 -31.32
C ASP B 145 -12.15 18.93 -30.76
N LEU B 146 -12.17 17.78 -30.09
CA LEU B 146 -13.35 17.31 -29.36
C LEU B 146 -12.93 16.87 -27.96
N PRO B 147 -13.79 17.09 -26.96
CA PRO B 147 -13.45 16.70 -25.58
C PRO B 147 -13.26 15.19 -25.44
N VAL B 148 -12.44 14.80 -24.46
CA VAL B 148 -12.10 13.39 -24.22
C VAL B 148 -13.34 12.49 -24.16
N LEU B 149 -14.36 12.93 -23.42
CA LEU B 149 -15.56 12.11 -23.17
C LEU B 149 -16.48 11.91 -24.39
N ALA B 150 -16.20 12.61 -25.48
CA ALA B 150 -16.88 12.37 -26.76
C ALA B 150 -16.58 10.95 -27.28
N LEU B 151 -15.44 10.40 -26.88
CA LEU B 151 -15.06 9.05 -27.26
C LEU B 151 -15.95 7.97 -26.64
N GLU B 152 -16.71 8.35 -25.61
CA GLU B 152 -17.57 7.41 -24.89
C GLU B 152 -19.07 7.74 -25.00
N ASP B 153 -19.43 8.67 -25.87
CA ASP B 153 -20.83 9.09 -25.98
C ASP B 153 -21.70 8.11 -26.76
N GLY B 154 -21.05 7.24 -27.53
CA GLY B 154 -21.74 6.20 -28.29
C GLY B 154 -22.07 6.58 -29.72
N SER B 155 -21.76 7.83 -30.09
CA SER B 155 -22.01 8.32 -31.44
C SER B 155 -20.98 7.78 -32.46
N GLY B 156 -19.71 7.79 -32.06
CA GLY B 156 -18.62 7.37 -32.94
C GLY B 156 -18.06 8.49 -33.79
N LEU B 157 -18.43 9.73 -33.47
CA LEU B 157 -17.97 10.92 -34.19
C LEU B 157 -16.47 11.19 -33.97
N ALA B 158 -16.04 11.13 -32.71
CA ALA B 158 -14.63 11.31 -32.36
C ALA B 158 -13.79 10.25 -33.06
N GLN B 159 -14.26 9.00 -33.01
CA GLN B 159 -13.58 7.88 -33.67
C GLN B 159 -13.36 8.15 -35.16
N GLU B 160 -14.36 8.70 -35.82
CA GLU B 160 -14.25 9.03 -37.25
C GLU B 160 -13.26 10.17 -37.50
N LYS B 161 -13.27 11.18 -36.62
CA LYS B 161 -12.33 12.30 -36.70
C LYS B 161 -10.88 11.85 -36.52
N VAL B 162 -10.64 10.88 -35.63
CA VAL B 162 -9.32 10.30 -35.42
C VAL B 162 -8.82 9.69 -36.74
N ARG B 163 -9.66 8.82 -37.30
CA ARG B 163 -9.39 8.18 -38.60
C ARG B 163 -9.01 9.19 -39.67
N GLU B 164 -9.82 10.24 -39.83
CA GLU B 164 -9.61 11.26 -40.86
C GLU B 164 -8.33 12.07 -40.65
N ARG B 165 -8.07 12.44 -39.40
CA ARG B 165 -6.82 13.12 -39.06
C ARG B 165 -5.57 12.21 -39.21
N CYS B 166 -5.73 10.91 -38.96
CA CYS B 166 -4.65 9.95 -39.20
C CYS B 166 -4.26 9.88 -40.68
N ILE B 167 -5.29 9.79 -41.54
CA ILE B 167 -5.10 9.78 -43.00
C ILE B 167 -4.38 11.04 -43.48
N ARG B 168 -4.81 12.20 -42.99
CA ARG B 168 -4.20 13.47 -43.37
C ARG B 168 -2.74 13.58 -42.91
N ALA B 169 -2.48 13.10 -41.69
CA ALA B 169 -1.11 13.10 -41.14
C ALA B 169 -0.14 12.34 -42.04
N LEU B 170 -0.54 11.14 -42.45
CA LEU B 170 0.30 10.29 -43.30
C LEU B 170 0.57 10.92 -44.66
N LYS B 171 -0.39 11.68 -45.17
CA LYS B 171 -0.22 12.40 -46.42
C LYS B 171 0.73 13.59 -46.29
N GLU B 172 0.64 14.30 -45.16
CA GLU B 172 1.27 15.63 -45.02
C GLU B 172 2.54 15.73 -44.15
N ASP B 173 2.63 14.91 -43.11
CA ASP B 173 3.62 15.14 -42.04
C ASP B 173 5.04 14.67 -42.30
N GLY B 174 5.22 13.75 -43.25
CA GLY B 174 6.51 13.11 -43.47
C GLY B 174 6.83 12.14 -42.34
N SER B 175 5.81 11.42 -41.88
CA SER B 175 5.96 10.45 -40.79
C SER B 175 5.52 9.07 -41.25
N GLY B 176 5.96 8.05 -40.52
CA GLY B 176 5.71 6.65 -40.91
C GLY B 176 4.77 5.94 -39.95
N ALA B 177 4.41 6.59 -38.86
CA ALA B 177 3.55 6.00 -37.85
C ALA B 177 2.72 7.04 -37.12
N ILE B 178 1.68 6.55 -36.45
CA ILE B 178 0.79 7.38 -35.67
C ILE B 178 0.79 6.93 -34.23
N VAL B 179 0.90 7.89 -33.33
CA VAL B 179 0.69 7.64 -31.90
C VAL B 179 -0.65 8.27 -31.50
N LEU B 180 -1.58 7.43 -31.07
CA LEU B 180 -2.88 7.90 -30.58
C LEU B 180 -2.71 8.57 -29.22
N GLY B 181 -3.27 9.77 -29.07
CA GLY B 181 -3.03 10.60 -27.91
C GLY B 181 -4.11 10.62 -26.84
N CYS B 182 -4.82 9.52 -26.70
CA CYS B 182 -5.84 9.36 -25.67
C CYS B 182 -6.12 7.90 -25.36
N GLY B 183 -6.31 7.58 -24.08
CA GLY B 183 -6.63 6.22 -23.64
C GLY B 183 -7.94 5.67 -24.20
N GLY B 184 -8.90 6.57 -24.40
CA GLY B 184 -10.19 6.21 -24.97
C GLY B 184 -10.13 5.79 -26.43
N MSE B 185 -8.99 6.05 -27.08
CA MSE B 185 -8.77 5.70 -28.49
C MSE B 185 -8.21 4.29 -28.65
O MSE B 185 -7.98 3.84 -29.77
CB MSE B 185 -7.81 6.69 -29.14
CG MSE B 185 -8.29 8.12 -29.19
SE MSE B 185 -7.00 9.28 -30.11
CE MSE B 185 -7.88 11.00 -29.78
N ALA B 186 -8.02 3.59 -27.53
CA ALA B 186 -7.35 2.28 -27.53
C ALA B 186 -7.95 1.27 -28.53
N THR B 187 -9.27 1.25 -28.62
CA THR B 187 -10.02 0.33 -29.50
C THR B 187 -9.66 0.51 -30.98
N LEU B 188 -9.24 1.72 -31.36
CA LEU B 188 -9.05 2.07 -32.76
C LEU B 188 -7.75 1.59 -33.38
N ALA B 189 -6.74 1.38 -32.55
CA ALA B 189 -5.36 1.13 -33.02
C ALA B 189 -5.26 0.07 -34.10
N GLN B 190 -5.81 -1.11 -33.83
CA GLN B 190 -5.65 -2.25 -34.73
C GLN B 190 -6.38 -2.05 -36.05
N GLN B 191 -7.62 -1.55 -35.99
CA GLN B 191 -8.41 -1.27 -37.20
C GLN B 191 -7.68 -0.30 -38.12
N LEU B 192 -7.13 0.76 -37.55
CA LEU B 192 -6.41 1.78 -38.31
C LEU B 192 -5.07 1.30 -38.85
N THR B 193 -4.38 0.46 -38.07
CA THR B 193 -3.13 -0.16 -38.51
C THR B 193 -3.40 -0.99 -39.77
N ARG B 194 -4.41 -1.85 -39.70
CA ARG B 194 -4.80 -2.70 -40.84
C ARG B 194 -5.20 -1.83 -42.05
N GLU B 195 -6.06 -0.86 -41.81
CA GLU B 195 -6.64 -0.04 -42.87
C GLU B 195 -5.63 0.87 -43.56
N LEU B 196 -4.82 1.58 -42.76
CA LEU B 196 -3.89 2.58 -43.29
C LEU B 196 -2.53 1.99 -43.66
N ARG B 197 -2.28 0.75 -43.25
CA ARG B 197 -1.05 0.03 -43.62
C ARG B 197 0.23 0.65 -43.03
N VAL B 198 0.08 1.24 -41.84
CA VAL B 198 1.21 1.76 -41.05
C VAL B 198 0.93 1.42 -39.58
N PRO B 199 1.97 1.43 -38.72
CA PRO B 199 1.70 1.27 -37.30
C PRO B 199 0.88 2.45 -36.77
N VAL B 200 -0.27 2.15 -36.17
CA VAL B 200 -1.05 3.13 -35.43
C VAL B 200 -1.10 2.63 -34.00
N ILE B 201 -0.51 3.38 -33.08
CA ILE B 201 -0.12 2.81 -31.79
C ILE B 201 -0.96 3.30 -30.62
N ASP B 202 -1.48 2.34 -29.86
CA ASP B 202 -2.18 2.61 -28.62
C ASP B 202 -1.24 2.32 -27.46
N GLY B 203 -1.06 3.32 -26.60
CA GLY B 203 -0.18 3.21 -25.44
C GLY B 203 -0.67 2.28 -24.34
N VAL B 204 -2.00 2.08 -24.26
CA VAL B 204 -2.55 1.17 -23.26
C VAL B 204 -2.01 -0.25 -23.47
N SER B 205 -2.20 -0.77 -24.69
CA SER B 205 -1.74 -2.09 -25.04
C SER B 205 -0.21 -2.17 -25.00
N ALA B 206 0.45 -1.10 -25.45
CA ALA B 206 1.91 -1.06 -25.43
C ALA B 206 2.48 -1.11 -24.00
N ALA B 207 1.88 -0.34 -23.09
CA ALA B 207 2.32 -0.29 -21.69
C ALA B 207 2.15 -1.64 -20.99
N VAL B 208 1.04 -2.32 -21.30
CA VAL B 208 0.82 -3.67 -20.80
C VAL B 208 2.00 -4.56 -21.20
N LYS B 209 2.38 -4.53 -22.48
CA LYS B 209 3.52 -5.34 -22.95
C LYS B 209 4.85 -4.92 -22.33
N MSE B 210 5.02 -3.63 -22.08
CA MSE B 210 6.22 -3.12 -21.42
C MSE B 210 6.36 -3.66 -19.99
O MSE B 210 7.43 -4.12 -19.59
CB MSE B 210 6.27 -1.58 -21.42
CG MSE B 210 6.48 -0.94 -22.79
SE MSE B 210 8.04 -1.64 -23.75
CE MSE B 210 7.15 -3.08 -24.74
N VAL B 211 5.26 -3.63 -19.24
CA VAL B 211 5.23 -4.16 -17.88
C VAL B 211 5.53 -5.66 -17.89
N GLU B 212 4.87 -6.41 -18.79
CA GLU B 212 5.12 -7.84 -18.92
C GLU B 212 6.57 -8.14 -19.24
N SER B 213 7.15 -7.36 -20.15
CA SER B 213 8.53 -7.53 -20.57
C SER B 213 9.49 -7.33 -19.42
N LEU B 214 9.32 -6.23 -18.68
CA LEU B 214 10.17 -5.91 -17.54
C LEU B 214 10.08 -6.98 -16.45
N VAL B 215 8.86 -7.44 -16.18
CA VAL B 215 8.62 -8.48 -15.17
C VAL B 215 9.31 -9.78 -15.57
N ALA B 216 9.15 -10.18 -16.84
CA ALA B 216 9.80 -11.37 -17.37
C ALA B 216 11.33 -11.27 -17.38
N LEU B 217 11.85 -10.04 -17.41
CA LEU B 217 13.29 -9.80 -17.38
C LEU B 217 13.85 -9.69 -15.98
N GLY B 218 12.95 -9.67 -14.99
CA GLY B 218 13.33 -9.51 -13.59
C GLY B 218 13.74 -8.08 -13.26
N LEU B 219 13.13 -7.13 -13.98
CA LEU B 219 13.46 -5.73 -13.78
C LEU B 219 12.31 -4.97 -13.14
N ALA B 220 12.63 -4.24 -12.07
CA ALA B 220 11.67 -3.38 -11.38
C ALA B 220 12.30 -2.01 -11.20
N THR B 221 11.51 -1.03 -10.77
CA THR B 221 11.99 0.32 -10.53
C THR B 221 13.20 0.31 -9.59
N SER B 222 14.23 1.07 -9.95
CA SER B 222 15.41 1.23 -9.10
C SER B 222 15.06 2.01 -7.85
N LYS B 223 15.45 1.47 -6.69
CA LYS B 223 15.26 2.19 -5.43
C LYS B 223 16.57 2.77 -4.88
N HIS B 224 17.57 2.83 -5.76
CA HIS B 224 18.90 3.34 -5.40
C HIS B 224 18.93 4.80 -4.91
N GLY B 225 18.14 5.67 -5.54
CA GLY B 225 18.15 7.08 -5.14
C GLY B 225 16.96 7.90 -5.57
N ASP B 226 16.97 8.32 -6.84
CA ASP B 226 15.96 9.22 -7.37
C ASP B 226 14.53 8.69 -7.27
N LEU B 227 14.38 7.37 -7.39
CA LEU B 227 13.04 6.77 -7.34
C LEU B 227 12.90 5.82 -6.14
N ALA B 228 13.69 6.09 -5.12
CA ALA B 228 13.57 5.38 -3.85
C ALA B 228 12.19 5.67 -3.27
N PHE B 229 11.72 4.79 -2.39
CA PHE B 229 10.48 5.06 -1.65
C PHE B 229 10.54 6.43 -0.98
N PRO B 230 9.39 7.12 -0.86
CA PRO B 230 9.34 8.46 -0.29
C PRO B 230 10.03 8.54 1.07
N GLU B 231 10.65 9.67 1.38
CA GLU B 231 11.30 9.85 2.67
C GLU B 231 10.29 9.65 3.80
N LYS B 232 10.72 8.95 4.85
CA LYS B 232 9.86 8.61 5.98
C LYS B 232 9.45 9.86 6.76
N LYS B 233 8.20 10.29 6.57
CA LYS B 233 7.67 11.46 7.26
C LYS B 233 6.15 11.36 7.45
N ALA B 234 5.63 12.08 8.44
CA ALA B 234 4.21 12.07 8.76
C ALA B 234 3.40 12.93 7.82
N LEU B 235 2.47 12.30 7.11
CA LEU B 235 1.53 13.01 6.24
C LEU B 235 0.24 13.31 7.01
N SER B 236 -0.29 14.52 6.85
CA SER B 236 -1.46 14.96 7.58
C SER B 236 -2.73 14.88 6.75
N GLY B 237 -3.88 14.98 7.42
CA GLY B 237 -5.19 14.91 6.78
C GLY B 237 -5.39 13.64 5.97
N GLN B 238 -6.00 13.79 4.80
CA GLN B 238 -6.36 12.68 3.92
C GLN B 238 -5.14 12.08 3.22
N PHE B 239 -4.00 12.74 3.32
CA PHE B 239 -2.84 12.37 2.52
C PHE B 239 -2.02 11.19 3.05
N GLN B 240 -2.15 10.87 4.34
CA GLN B 240 -1.45 9.72 4.91
C GLN B 240 -1.87 8.41 4.25
N SER B 241 -3.16 8.34 3.87
CA SER B 241 -3.72 7.18 3.16
C SER B 241 -3.01 6.87 1.83
N LEU B 242 -2.31 7.85 1.27
CA LEU B 242 -1.58 7.64 0.02
C LEU B 242 -0.29 6.84 0.22
N ASN B 243 0.32 6.97 1.40
CA ASN B 243 1.53 6.21 1.73
C ASN B 243 1.47 5.55 3.12
N PRO B 244 0.73 4.42 3.24
CA PRO B 244 0.66 3.71 4.51
C PRO B 244 1.83 2.76 4.71
N PHE B 245 2.80 2.76 3.80
CA PHE B 245 3.89 1.80 3.79
C PHE B 245 5.09 2.24 4.62
CL CL C . -0.36 -6.15 14.20
CL CL D . -5.87 10.04 -22.10
#